data_6VX2
#
_entry.id   6VX2
#
_cell.length_a   46.288
_cell.length_b   46.288
_cell.length_c   140.096
_cell.angle_alpha   90.00
_cell.angle_beta   90.00
_cell.angle_gamma   90.00
#
_symmetry.space_group_name_H-M   'P 43 21 2'
#
loop_
_entity.id
_entity.type
_entity.pdbx_description
1 polymer Integrase
2 non-polymer 'IODIDE ION'
3 non-polymer '(5-methyl-1-benzofuran-3-yl)acetic acid'
4 non-polymer 'SULFATE ION'
5 water water
#
_entity_poly.entity_id   1
_entity_poly.type   'polypeptide(L)'
_entity_poly.pdbx_seq_one_letter_code
;MHGEVDCSPGIWQLD(CSO)THLEGKVILVAVHVASGYIEAEVIPAETGQETAYFLLKLAGRWPVKTVHTDNGSNFTSTT
VKAA(CSD)EWAGIKQEFGIPYNPQSQGVIESMNKELKKIIGQVRDQAEHLKTAVQMAVFIHNKKRKGGIGGYSAGERIV
DIIATDIETKE
;
_entity_poly.pdbx_strand_id   A
#
loop_
_chem_comp.id
_chem_comp.type
_chem_comp.name
_chem_comp.formula
IOD non-polymer 'IODIDE ION' 'I -1'
RQG non-polymer '(5-methyl-1-benzofuran-3-yl)acetic acid' 'C11 H10 O3'
SO4 non-polymer 'SULFATE ION' 'O4 S -2'
#
# COMPACT_ATOMS: atom_id res chain seq x y z
N SER A 8 -17.51 2.99 3.39
CA SER A 8 -16.06 2.80 3.68
C SER A 8 -15.32 2.10 2.53
N PRO A 9 -15.52 2.47 1.23
CA PRO A 9 -14.66 1.97 0.17
C PRO A 9 -13.34 2.73 0.19
N GLY A 10 -13.20 3.74 1.07
CA GLY A 10 -12.06 4.69 1.04
C GLY A 10 -11.11 4.55 2.22
N ILE A 11 -11.17 3.48 2.99
CA ILE A 11 -10.31 3.23 4.20
C ILE A 11 -9.03 2.48 3.77
N TRP A 12 -7.88 3.01 4.13
CA TRP A 12 -6.58 2.35 3.90
C TRP A 12 -5.78 2.39 5.20
N GLN A 13 -4.80 1.49 5.27
CA GLN A 13 -3.75 1.37 6.30
C GLN A 13 -2.47 1.73 5.59
N LEU A 14 -1.64 2.53 6.19
CA LEU A 14 -0.30 2.80 5.62
C LEU A 14 0.73 2.33 6.65
N ASP A 15 1.69 1.52 6.24
CA ASP A 15 2.89 1.14 7.05
C ASP A 15 4.12 1.01 6.12
N CSO A 16 5.32 0.86 6.68
CA CSO A 16 6.55 0.63 5.95
CB CSO A 16 7.72 1.52 6.32
SG CSO A 16 7.45 3.00 7.34
C CSO A 16 7.06 -0.75 6.33
O CSO A 16 6.79 -1.22 7.42
OD CSO A 16 7.47 4.25 6.25
N THR A 17 7.83 -1.36 5.43
CA THR A 17 8.67 -2.46 5.86
C THR A 17 10.03 -2.27 5.21
N HIS A 18 11.00 -3.14 5.53
CA HIS A 18 12.45 -2.98 5.22
C HIS A 18 13.03 -4.28 4.68
N LEU A 19 13.89 -4.18 3.69
CA LEU A 19 14.44 -5.34 2.94
C LEU A 19 15.63 -4.85 2.10
N GLU A 20 16.81 -5.52 2.26
CA GLU A 20 18.10 -5.15 1.62
C GLU A 20 18.44 -3.70 1.96
N GLY A 21 18.04 -3.28 3.16
CA GLY A 21 18.32 -1.94 3.72
C GLY A 21 17.68 -0.80 2.98
N LYS A 22 16.59 -1.04 2.23
CA LYS A 22 15.75 -0.02 1.57
C LYS A 22 14.35 -0.06 2.20
N VAL A 23 13.61 1.03 2.09
CA VAL A 23 12.27 1.24 2.71
C VAL A 23 11.18 0.94 1.67
N ILE A 24 10.23 0.09 2.04
CA ILE A 24 9.01 -0.16 1.22
C ILE A 24 7.80 0.40 1.96
N LEU A 25 7.19 1.44 1.40
CA LEU A 25 5.83 1.93 1.74
C LEU A 25 4.76 0.96 1.26
N VAL A 26 3.79 0.68 2.13
CA VAL A 26 2.67 -0.25 1.88
C VAL A 26 1.38 0.42 2.27
N ALA A 27 0.48 0.56 1.27
CA ALA A 27 -0.93 0.90 1.44
C ALA A 27 -1.79 -0.33 1.17
N VAL A 28 -2.62 -0.67 2.16
CA VAL A 28 -3.61 -1.77 2.11
C VAL A 28 -5.00 -1.16 2.13
N HIS A 29 -5.83 -1.60 1.19
CA HIS A 29 -7.29 -1.35 1.23
C HIS A 29 -7.89 -2.45 2.11
N VAL A 30 -8.22 -2.05 3.33
CA VAL A 30 -8.58 -2.92 4.47
C VAL A 30 -9.70 -3.91 4.02
N ALA A 31 -10.77 -3.42 3.37
CA ALA A 31 -11.98 -4.24 3.09
C ALA A 31 -11.66 -5.27 1.99
N SER A 32 -10.62 -5.03 1.19
CA SER A 32 -10.24 -5.89 0.05
C SER A 32 -8.90 -6.61 0.26
N GLY A 33 -7.93 -6.05 0.96
CA GLY A 33 -6.55 -6.59 0.93
C GLY A 33 -5.79 -6.20 -0.33
N TYR A 34 -6.36 -5.41 -1.23
CA TYR A 34 -5.58 -4.83 -2.36
C TYR A 34 -4.39 -4.03 -1.78
N ILE A 35 -3.21 -4.11 -2.42
CA ILE A 35 -2.03 -3.40 -1.87
C ILE A 35 -1.40 -2.60 -2.99
N GLU A 36 -0.76 -1.48 -2.61
CA GLU A 36 0.18 -0.74 -3.46
C GLU A 36 1.43 -0.51 -2.67
N ALA A 37 2.58 -0.50 -3.31
CA ALA A 37 3.81 -0.36 -2.54
C ALA A 37 4.88 0.20 -3.43
N GLU A 38 5.91 0.80 -2.82
CA GLU A 38 6.97 1.46 -3.61
C GLU A 38 8.20 1.48 -2.71
N VAL A 39 9.37 1.21 -3.29
CA VAL A 39 10.67 1.48 -2.63
C VAL A 39 10.90 3.00 -2.70
N ILE A 40 11.15 3.61 -1.53
CA ILE A 40 11.56 5.04 -1.44
C ILE A 40 13.02 5.14 -0.96
N PRO A 41 13.71 6.28 -1.27
CA PRO A 41 15.16 6.43 -1.04
C PRO A 41 15.53 6.88 0.40
N ALA A 42 14.53 7.32 1.16
CA ALA A 42 14.56 7.45 2.63
C ALA A 42 13.10 7.50 3.13
N GLU A 43 12.86 7.72 4.43
CA GLU A 43 11.49 7.75 5.02
C GLU A 43 10.84 9.14 4.78
N THR A 44 11.64 10.14 4.38
CA THR A 44 11.23 11.59 4.32
C THR A 44 9.76 11.69 3.89
N GLY A 45 9.03 12.59 4.59
CA GLY A 45 7.68 13.06 4.29
C GLY A 45 7.51 13.43 2.83
N GLN A 46 8.60 13.71 2.09
CA GLN A 46 8.53 14.08 0.65
C GLN A 46 7.83 12.95 -0.11
N GLU A 47 8.35 11.74 0.03
CA GLU A 47 7.97 10.60 -0.84
C GLU A 47 6.62 10.02 -0.43
N THR A 48 6.34 9.97 0.88
CA THR A 48 5.07 9.50 1.48
C THR A 48 3.92 10.35 0.95
N ALA A 49 4.08 11.66 1.01
CA ALA A 49 3.14 12.63 0.42
C ALA A 49 2.88 12.33 -1.07
N TYR A 50 3.93 12.04 -1.83
CA TYR A 50 3.89 11.89 -3.31
C TYR A 50 3.09 10.60 -3.60
N PHE A 51 3.31 9.58 -2.78
CA PHE A 51 2.70 8.24 -2.96
C PHE A 51 1.23 8.31 -2.52
N LEU A 52 0.91 9.09 -1.47
CA LEU A 52 -0.50 9.36 -1.09
C LEU A 52 -1.24 10.06 -2.23
N LEU A 53 -0.64 11.06 -2.83
CA LEU A 53 -1.25 11.84 -3.92
C LEU A 53 -1.51 10.94 -5.14
N LYS A 54 -0.48 10.18 -5.56
CA LYS A 54 -0.58 9.11 -6.59
C LYS A 54 -1.73 8.16 -6.23
N LEU A 55 -1.67 7.52 -5.06
CA LEU A 55 -2.76 6.59 -4.61
C LEU A 55 -4.13 7.29 -4.66
N ALA A 56 -4.23 8.54 -4.24
CA ALA A 56 -5.56 9.20 -4.18
C ALA A 56 -6.04 9.62 -5.57
N GLY A 57 -5.17 9.73 -6.56
CA GLY A 57 -5.57 10.02 -7.96
C GLY A 57 -6.16 8.80 -8.66
N ARG A 58 -5.94 7.61 -8.08
CA ARG A 58 -6.15 6.29 -8.73
C ARG A 58 -7.43 5.69 -8.17
N TRP A 59 -7.59 5.81 -6.88
CA TRP A 59 -8.68 5.17 -6.10
C TRP A 59 -9.33 6.22 -5.23
N PRO A 60 -10.54 5.93 -4.71
CA PRO A 60 -11.14 6.75 -3.66
C PRO A 60 -10.30 6.51 -2.39
N VAL A 61 -9.58 7.55 -1.91
CA VAL A 61 -8.84 7.55 -0.62
C VAL A 61 -9.44 8.64 0.26
N LYS A 62 -10.17 8.25 1.32
CA LYS A 62 -10.86 9.14 2.29
C LYS A 62 -10.19 9.12 3.67
N THR A 63 -9.83 7.96 4.21
CA THR A 63 -9.15 7.87 5.51
C THR A 63 -7.96 6.93 5.37
N VAL A 64 -6.82 7.35 5.90
CA VAL A 64 -5.56 6.58 6.03
C VAL A 64 -5.23 6.48 7.52
N HIS A 65 -5.29 5.24 8.05
CA HIS A 65 -4.91 4.81 9.41
C HIS A 65 -3.41 4.55 9.43
N THR A 66 -2.70 5.08 10.42
CA THR A 66 -1.32 4.66 10.77
C THR A 66 -1.20 4.40 12.28
N ASP A 67 -0.15 3.65 12.59
CA ASP A 67 0.13 2.92 13.85
C ASP A 67 1.06 3.74 14.75
N ASN A 68 1.77 4.71 14.19
CA ASN A 68 2.78 5.47 14.97
C ASN A 68 2.56 6.96 14.72
N GLY A 69 3.49 7.81 15.13
CA GLY A 69 3.35 9.28 15.03
C GLY A 69 4.15 9.91 13.88
N SER A 70 4.97 9.16 13.14
CA SER A 70 5.88 9.72 12.08
C SER A 70 5.11 10.51 11.02
N ASN A 71 3.93 10.06 10.60
CA ASN A 71 3.17 10.76 9.53
C ASN A 71 2.54 12.07 10.07
N PHE A 72 2.42 12.20 11.39
CA PHE A 72 1.77 13.35 12.06
C PHE A 72 2.76 14.53 12.19
N THR A 73 4.08 14.31 12.00
CA THR A 73 5.14 15.34 12.15
C THR A 73 5.73 15.77 10.81
N SER A 74 5.05 15.59 9.68
CA SER A 74 5.58 15.91 8.33
C SER A 74 4.62 16.87 7.59
N THR A 75 5.15 18.03 7.24
CA THR A 75 4.49 19.23 6.65
C THR A 75 3.88 18.88 5.26
N THR A 76 4.59 18.11 4.42
CA THR A 76 4.19 17.79 3.01
C THR A 76 3.10 16.70 3.02
N VAL A 77 3.15 15.73 3.95
CA VAL A 77 2.06 14.75 4.18
C VAL A 77 0.82 15.54 4.60
N LYS A 78 0.96 16.45 5.57
CA LYS A 78 -0.15 17.35 6.00
C LYS A 78 -0.72 18.08 4.77
N ALA A 79 0.13 18.64 3.91
CA ALA A 79 -0.25 19.37 2.68
C ALA A 79 -0.86 18.40 1.63
N ALA A 80 -0.31 17.21 1.42
CA ALA A 80 -0.93 16.20 0.50
C ALA A 80 -2.31 15.77 1.02
N CSD A 81 -2.40 15.44 2.30
CA CSD A 81 -3.66 15.10 2.93
CB CSD A 81 -3.56 15.10 4.45
SG CSD A 81 -2.89 13.60 5.22
C CSD A 81 -4.75 16.13 2.66
O CSD A 81 -5.91 15.82 2.33
OD1 CSD A 81 -2.72 12.34 4.35
OD2 CSD A 81 -1.76 14.12 5.99
N GLU A 82 -4.33 17.40 2.87
CA GLU A 82 -5.22 18.53 2.77
C GLU A 82 -5.63 18.76 1.32
N TRP A 83 -4.67 18.73 0.40
CA TRP A 83 -4.94 19.00 -1.04
C TRP A 83 -5.91 17.94 -1.63
N ALA A 84 -5.84 16.68 -1.13
CA ALA A 84 -6.57 15.54 -1.73
C ALA A 84 -7.78 15.20 -0.87
N GLY A 85 -7.85 15.70 0.35
CA GLY A 85 -9.04 15.46 1.19
C GLY A 85 -8.97 14.09 1.82
N ILE A 86 -7.77 13.74 2.28
CA ILE A 86 -7.51 12.51 3.06
C ILE A 86 -7.45 12.85 4.57
N LYS A 87 -8.32 12.25 5.38
CA LYS A 87 -8.23 12.24 6.87
C LYS A 87 -7.08 11.31 7.25
N GLN A 88 -6.03 11.82 7.88
CA GLN A 88 -4.99 11.02 8.58
C GLN A 88 -5.57 10.61 9.92
N GLU A 89 -5.41 9.37 10.38
CA GLU A 89 -6.11 8.94 11.62
C GLU A 89 -5.36 7.80 12.29
N PHE A 90 -5.07 7.98 13.58
CA PHE A 90 -4.17 7.12 14.38
C PHE A 90 -4.92 5.86 14.78
N GLY A 91 -4.20 4.74 14.85
CA GLY A 91 -4.74 3.48 15.39
C GLY A 91 -5.39 2.67 14.27
N ILE A 92 -5.20 1.35 14.34
CA ILE A 92 -5.44 0.34 13.27
C ILE A 92 -6.80 -0.33 13.54
N GLU A 103 1.52 -5.32 8.44
CA GLU A 103 1.20 -6.17 9.61
C GLU A 103 1.86 -7.56 9.43
N SER A 104 1.08 -8.59 9.04
CA SER A 104 1.56 -9.89 8.49
C SER A 104 1.24 -9.97 6.98
N MET A 105 0.42 -9.04 6.47
CA MET A 105 0.38 -8.60 5.04
C MET A 105 1.82 -8.24 4.58
N ASN A 106 2.61 -7.55 5.44
CA ASN A 106 4.03 -7.18 5.21
C ASN A 106 4.87 -8.48 5.11
N LYS A 107 4.52 -9.51 5.90
CA LYS A 107 5.26 -10.81 5.94
C LYS A 107 5.00 -11.65 4.68
N GLU A 108 3.74 -11.72 4.23
CA GLU A 108 3.34 -12.50 3.01
C GLU A 108 3.87 -11.79 1.76
N LEU A 109 3.84 -10.45 1.74
CA LEU A 109 4.54 -9.67 0.70
C LEU A 109 5.98 -10.20 0.55
N LYS A 110 6.70 -10.41 1.67
CA LYS A 110 8.15 -10.73 1.70
C LYS A 110 8.39 -12.17 1.26
N LYS A 111 7.48 -13.10 1.58
CA LYS A 111 7.55 -14.48 1.01
C LYS A 111 7.66 -14.37 -0.52
N ILE A 112 6.70 -13.70 -1.16
CA ILE A 112 6.58 -13.62 -2.64
C ILE A 112 7.82 -12.90 -3.20
N ILE A 113 8.29 -11.83 -2.54
CA ILE A 113 9.57 -11.15 -2.93
C ILE A 113 10.70 -12.19 -2.94
N GLY A 114 10.69 -13.18 -2.03
CA GLY A 114 11.67 -14.30 -1.99
C GLY A 114 11.52 -15.27 -3.16
N GLN A 115 10.28 -15.65 -3.49
CA GLN A 115 9.95 -16.50 -4.67
C GLN A 115 10.36 -15.83 -6.00
N VAL A 116 10.41 -14.49 -6.10
CA VAL A 116 10.67 -13.77 -7.40
C VAL A 116 12.02 -13.03 -7.42
N ARG A 117 12.69 -12.80 -6.29
CA ARG A 117 13.88 -11.90 -6.20
C ARG A 117 14.91 -12.18 -7.30
N ASP A 118 15.13 -13.42 -7.75
CA ASP A 118 16.24 -13.68 -8.73
C ASP A 118 15.75 -13.55 -10.18
N GLN A 119 14.49 -13.13 -10.38
CA GLN A 119 13.88 -12.88 -11.72
C GLN A 119 14.04 -11.40 -12.14
N ALA A 120 14.54 -10.52 -11.26
CA ALA A 120 14.77 -9.09 -11.58
C ALA A 120 16.02 -8.60 -10.91
N GLU A 121 16.76 -7.69 -11.55
CA GLU A 121 17.99 -7.05 -11.00
C GLU A 121 17.62 -6.21 -9.76
N HIS A 122 16.69 -5.27 -9.91
CA HIS A 122 16.34 -4.25 -8.89
C HIS A 122 15.28 -4.80 -7.92
N LEU A 123 15.54 -4.67 -6.63
CA LEU A 123 14.56 -5.03 -5.61
C LEU A 123 13.19 -4.40 -5.97
N LYS A 124 13.17 -3.16 -6.42
CA LYS A 124 11.86 -2.49 -6.56
C LYS A 124 11.00 -3.23 -7.61
N THR A 125 11.62 -3.85 -8.63
CA THR A 125 10.95 -4.72 -9.63
C THR A 125 10.37 -5.96 -8.95
N ALA A 126 11.13 -6.58 -8.05
CA ALA A 126 10.62 -7.72 -7.27
C ALA A 126 9.45 -7.27 -6.38
N VAL A 127 9.43 -6.05 -5.81
CA VAL A 127 8.29 -5.57 -4.94
C VAL A 127 7.03 -5.46 -5.78
N GLN A 128 7.15 -4.89 -6.98
CA GLN A 128 6.04 -4.78 -7.95
C GLN A 128 5.60 -6.14 -8.48
N MET A 129 6.51 -7.14 -8.59
CA MET A 129 6.11 -8.50 -9.03
C MET A 129 5.30 -9.12 -7.91
N ALA A 130 5.75 -8.91 -6.68
CA ALA A 130 5.06 -9.38 -5.45
C ALA A 130 3.67 -8.73 -5.32
N VAL A 131 3.56 -7.46 -5.65
CA VAL A 131 2.27 -6.74 -5.49
C VAL A 131 1.32 -7.31 -6.54
N PHE A 132 1.84 -7.48 -7.76
CA PHE A 132 1.08 -8.05 -8.89
C PHE A 132 0.45 -9.37 -8.42
N ILE A 133 1.27 -10.25 -7.89
CA ILE A 133 0.80 -11.63 -7.59
C ILE A 133 -0.24 -11.51 -6.49
N HIS A 134 0.09 -10.76 -5.43
CA HIS A 134 -0.80 -10.60 -4.26
C HIS A 134 -2.19 -10.11 -4.68
N ASN A 135 -2.18 -9.16 -5.58
CA ASN A 135 -3.41 -8.50 -6.06
C ASN A 135 -4.23 -9.38 -7.00
N LYS A 136 -3.61 -10.24 -7.82
CA LYS A 136 -4.33 -10.97 -8.90
C LYS A 136 -4.63 -12.41 -8.49
N LYS A 137 -4.00 -12.97 -7.46
CA LYS A 137 -4.20 -14.39 -7.12
C LYS A 137 -5.54 -14.58 -6.40
N ARG A 138 -6.05 -15.80 -6.43
CA ARG A 138 -7.22 -16.24 -5.64
C ARG A 138 -6.68 -16.73 -4.30
N LYS A 139 -7.49 -16.52 -3.27
CA LYS A 139 -7.32 -17.11 -1.92
C LYS A 139 -7.51 -18.62 -2.04
N GLY A 140 -6.47 -19.40 -1.66
CA GLY A 140 -6.42 -20.87 -1.81
C GLY A 140 -5.82 -21.30 -3.15
N GLY A 141 -5.93 -20.45 -4.18
CA GLY A 141 -5.48 -20.65 -5.57
C GLY A 141 -6.69 -20.84 -6.48
N ILE A 142 -7.88 -20.96 -5.89
CA ILE A 142 -9.11 -21.41 -6.60
C ILE A 142 -10.34 -20.68 -6.02
N GLY A 143 -11.15 -20.15 -6.96
CA GLY A 143 -12.52 -19.67 -6.73
C GLY A 143 -12.58 -18.33 -6.00
N GLY A 144 -13.73 -17.65 -6.05
CA GLY A 144 -13.88 -16.34 -5.36
C GLY A 144 -13.09 -15.28 -6.09
N TYR A 145 -12.77 -14.16 -5.44
CA TYR A 145 -12.19 -12.97 -6.12
C TYR A 145 -10.76 -12.78 -5.62
N SER A 146 -9.92 -12.25 -6.47
CA SER A 146 -8.67 -11.58 -6.06
C SER A 146 -8.96 -10.26 -5.31
N ALA A 147 -7.92 -9.77 -4.63
CA ALA A 147 -7.89 -8.41 -4.02
C ALA A 147 -8.27 -7.34 -5.05
N GLY A 148 -7.69 -7.43 -6.25
CA GLY A 148 -7.95 -6.53 -7.40
C GLY A 148 -9.41 -6.53 -7.79
N GLU A 149 -10.06 -7.69 -7.81
CA GLU A 149 -11.49 -7.79 -8.17
C GLU A 149 -12.32 -7.21 -7.02
N ARG A 150 -11.95 -7.52 -5.77
CA ARG A 150 -12.72 -7.10 -4.56
C ARG A 150 -12.70 -5.58 -4.46
N ILE A 151 -11.55 -4.94 -4.61
CA ILE A 151 -11.51 -3.45 -4.52
C ILE A 151 -12.45 -2.86 -5.59
N VAL A 152 -12.42 -3.33 -6.81
CA VAL A 152 -13.30 -2.78 -7.90
C VAL A 152 -14.75 -3.12 -7.58
N ASP A 153 -15.01 -4.31 -7.09
CA ASP A 153 -16.39 -4.75 -6.74
C ASP A 153 -16.90 -3.87 -5.57
N ILE A 154 -16.12 -3.65 -4.51
CA ILE A 154 -16.59 -2.75 -3.40
C ILE A 154 -16.82 -1.31 -3.90
N ILE A 155 -15.99 -0.76 -4.79
CA ILE A 155 -16.14 0.64 -5.28
C ILE A 155 -17.32 0.64 -6.25
N ALA A 156 -17.46 -0.40 -7.08
CA ALA A 156 -18.56 -0.46 -8.07
C ALA A 156 -19.89 -0.50 -7.32
N THR A 157 -20.05 -1.52 -6.47
CA THR A 157 -21.19 -1.75 -5.53
C THR A 157 -21.45 -0.50 -4.70
N ASP A 158 -20.54 0.47 -4.71
CA ASP A 158 -20.70 1.83 -4.12
C ASP A 158 -20.71 2.84 -5.28
I IOD B . -8.93 0.14 9.96
I IOD C . 15.68 -0.64 -6.00
I IOD D . -13.51 9.28 -5.10
I IOD E . -6.25 10.58 15.61
I IOD F . 16.62 -4.04 6.28
I IOD G . -1.36 9.84 6.56
I IOD H . -6.12 -10.31 0.77
C10 RQG I . 6.41 19.19 -3.74
C13 RQG I . 4.02 17.36 -2.53
C01 RQG I . 0.96 19.52 -1.91
C02 RQG I . 1.84 18.31 -2.17
C03 RQG I . 1.25 17.05 -2.31
C04 RQG I . 2.05 15.95 -2.57
C05 RQG I . 3.45 16.10 -2.67
O06 RQG I . 4.43 15.21 -2.89
C07 RQG I . 5.61 15.78 -2.90
C08 RQG I . 5.45 17.16 -2.67
C09 RQG I . 6.52 18.22 -2.60
O11 RQG I . 5.82 20.28 -3.56
O12 RQG I . 6.89 18.91 -4.86
C14 RQG I . 3.21 18.47 -2.27
S SO4 J . 9.97 -4.51 9.14
O1 SO4 J . 10.70 -4.76 7.92
O2 SO4 J . 8.59 -4.89 8.93
O3 SO4 J . 10.08 -3.11 9.49
O4 SO4 J . 10.54 -5.31 10.20
S SO4 K . 8.51 17.62 5.64
O1 SO4 K . 8.68 16.19 5.68
O2 SO4 K . 9.60 18.22 4.90
O3 SO4 K . 8.51 18.16 6.99
O4 SO4 K . 7.27 17.95 5.00
#